data_2LPA
#
_entry.id   2LPA
#
_entity_poly.entity_id   1
_entity_poly.type   'polyribonucleotide'
_entity_poly.pdbx_seq_one_letter_code
;GAGGACAUAGUCUUC
;
_entity_poly.pdbx_strand_id   A
#
loop_
_chem_comp.id
_chem_comp.type
_chem_comp.name
_chem_comp.formula
A RNA linking ADENOSINE-5'-MONOPHOSPHATE 'C10 H14 N5 O7 P'
C RNA linking CYTIDINE-5'-MONOPHOSPHATE 'C9 H14 N3 O8 P'
G RNA linking GUANOSINE-5'-MONOPHOSPHATE 'C10 H14 N5 O8 P'
U RNA linking URIDINE-5'-MONOPHOSPHATE 'C9 H13 N2 O9 P'
#